data_9DYS
#
_entry.id   9DYS
#
_cell.length_a   53.879
_cell.length_b   96.511
_cell.length_c   105.188
_cell.angle_alpha   90.00
_cell.angle_beta   90.00
_cell.angle_gamma   90.00
#
_symmetry.space_group_name_H-M   'P 2 21 21'
#
loop_
_entity.id
_entity.type
_entity.pdbx_description
1 polymer 'Poly(hexamethylene adipamide) hydrolase'
2 non-polymer 1,2-ETHANEDIOL
3 non-polymer 'SODIUM ION'
4 non-polymer 'TETRAETHYLENE GLYCOL'
5 water water
#
_entity_poly.entity_id   1
_entity_poly.type   'polypeptide(L)'
_entity_poly.pdbx_seq_one_letter_code
;MLTDIDGIRVGHATDARAMTGCTIAVFDEPVVPGVDVRGANAATIYTDLLYPDSVMPSVTGIMLTGGSAFGLEAALGAVR
YFEEQGRGYDVGVAKIPLVPAAVIYDLSVGDANVRPDLAMGRRACEAAKPGPFERGRVGGGTGATVGKLYGVRQSSPGGL
GTATVSLYGGIKVSAMIVVNSFGDLRDTAGRIVAGAKYEGGEFADTYARMKLGDKNQSALARMGMNTTIGIVSTNCRLTK
VEASRMATLAHNGLARAICPIHTNVDGDTIFATGLQKSDLTAPVDLLGTAAAEAAMLACLDAVMQ
;
_entity_poly.pdbx_strand_id   A,B
#
# COMPACT_ATOMS: atom_id res chain seq x y z
N MET A 1 -19.66 -17.65 -7.00
CA MET A 1 -20.17 -16.36 -7.54
C MET A 1 -20.19 -15.34 -6.41
N LEU A 2 -19.24 -14.39 -6.43
CA LEU A 2 -19.05 -13.48 -5.32
C LEU A 2 -20.31 -12.66 -5.04
N THR A 3 -21.07 -12.34 -6.10
CA THR A 3 -22.31 -11.59 -5.95
C THR A 3 -23.44 -12.36 -5.22
N ASP A 4 -23.21 -13.63 -4.86
CA ASP A 4 -24.11 -14.35 -3.96
C ASP A 4 -24.18 -13.70 -2.58
N ILE A 5 -23.18 -12.88 -2.23
CA ILE A 5 -23.11 -12.26 -0.92
C ILE A 5 -23.78 -10.89 -1.02
N ASP A 6 -24.60 -10.59 -0.04
CA ASP A 6 -25.41 -9.38 -0.02
C ASP A 6 -24.56 -8.15 -0.30
N GLY A 7 -25.06 -7.37 -1.26
CA GLY A 7 -24.56 -6.02 -1.45
C GLY A 7 -23.36 -5.93 -2.40
N ILE A 8 -22.88 -7.04 -2.93
CA ILE A 8 -21.70 -6.99 -3.78
C ILE A 8 -22.11 -6.85 -5.26
N ARG A 9 -21.48 -5.92 -5.97
CA ARG A 9 -21.52 -5.85 -7.43
C ARG A 9 -20.11 -6.02 -7.96
N VAL A 10 -19.98 -6.63 -9.14
CA VAL A 10 -18.71 -6.88 -9.76
C VAL A 10 -18.68 -6.25 -11.15
N GLY A 11 -17.59 -5.55 -11.47
CA GLY A 11 -17.41 -4.95 -12.79
C GLY A 11 -16.04 -5.29 -13.33
N HIS A 12 -15.99 -5.62 -14.62
CA HIS A 12 -14.73 -5.82 -15.32
C HIS A 12 -14.46 -4.70 -16.31
N ALA A 13 -13.18 -4.44 -16.56
CA ALA A 13 -12.73 -3.71 -17.73
C ALA A 13 -11.63 -4.54 -18.36
N THR A 14 -11.77 -4.76 -19.68
CA THR A 14 -11.01 -5.79 -20.38
C THR A 14 -10.41 -5.17 -21.62
N ASP A 15 -9.09 -5.32 -21.79
CA ASP A 15 -8.45 -5.00 -23.06
C ASP A 15 -7.85 -6.28 -23.61
N ALA A 16 -8.60 -6.90 -24.54
CA ALA A 16 -8.27 -8.20 -25.12
C ALA A 16 -7.10 -8.14 -26.11
N ARG A 17 -6.76 -6.96 -26.64
CA ARG A 17 -5.63 -6.80 -27.52
C ARG A 17 -4.34 -6.65 -26.71
N ALA A 18 -4.32 -5.74 -25.72
CA ALA A 18 -3.15 -5.58 -24.86
C ALA A 18 -3.00 -6.74 -23.87
N MET A 19 -4.08 -7.49 -23.63
CA MET A 19 -4.11 -8.60 -22.69
CA MET A 19 -4.10 -8.60 -22.70
C MET A 19 -3.82 -8.07 -21.28
N THR A 20 -4.73 -7.20 -20.81
CA THR A 20 -4.71 -6.69 -19.46
C THR A 20 -6.12 -6.25 -19.14
N GLY A 21 -6.35 -5.90 -17.87
CA GLY A 21 -7.63 -5.45 -17.39
C GLY A 21 -7.63 -5.36 -15.87
N CYS A 22 -8.82 -5.05 -15.31
CA CYS A 22 -9.00 -4.95 -13.89
C CYS A 22 -10.46 -5.29 -13.58
N THR A 23 -10.67 -5.75 -12.35
CA THR A 23 -11.97 -6.15 -11.83
C THR A 23 -12.19 -5.46 -10.48
N ILE A 24 -13.40 -4.93 -10.26
CA ILE A 24 -13.70 -4.33 -8.96
C ILE A 24 -14.90 -5.02 -8.35
N ALA A 25 -14.80 -5.32 -7.04
CA ALA A 25 -15.91 -5.68 -6.22
C ALA A 25 -16.38 -4.43 -5.47
N VAL A 26 -17.64 -4.05 -5.66
CA VAL A 26 -18.19 -2.85 -5.05
C VAL A 26 -19.12 -3.27 -3.92
N PHE A 27 -19.01 -2.60 -2.75
CA PHE A 27 -19.76 -3.00 -1.57
C PHE A 27 -20.87 -1.99 -1.28
N ASP A 28 -22.12 -2.36 -1.57
CA ASP A 28 -23.26 -1.50 -1.37
C ASP A 28 -23.76 -1.62 0.07
N GLU A 29 -23.43 -2.72 0.74
CA GLU A 29 -23.64 -2.83 2.18
C GLU A 29 -22.28 -2.75 2.88
N PRO A 30 -22.16 -2.00 4.00
CA PRO A 30 -20.87 -1.83 4.66
C PRO A 30 -20.23 -3.15 5.11
N VAL A 31 -18.91 -3.27 4.90
CA VAL A 31 -18.17 -4.48 5.22
C VAL A 31 -17.12 -4.22 6.29
N VAL A 32 -16.70 -5.34 6.90
CA VAL A 32 -15.57 -5.39 7.82
C VAL A 32 -14.43 -6.11 7.10
N PRO A 33 -13.28 -5.46 6.87
CA PRO A 33 -12.25 -6.05 6.02
C PRO A 33 -11.03 -6.58 6.77
N GLY A 34 -10.32 -7.48 6.08
CA GLY A 34 -9.07 -8.03 6.52
C GLY A 34 -8.22 -8.37 5.31
N VAL A 35 -6.94 -8.64 5.55
CA VAL A 35 -6.06 -8.97 4.45
C VAL A 35 -4.92 -9.85 4.96
N ASP A 36 -4.38 -10.67 4.05
CA ASP A 36 -3.15 -11.41 4.31
C ASP A 36 -2.34 -11.43 3.04
N VAL A 37 -1.24 -10.67 3.06
CA VAL A 37 -0.28 -10.62 1.98
C VAL A 37 0.80 -11.66 2.27
N ARG A 38 0.80 -12.77 1.54
CA ARG A 38 1.69 -13.86 1.86
C ARG A 38 2.82 -14.01 0.86
N GLY A 39 2.62 -13.57 -0.40
CA GLY A 39 3.71 -13.69 -1.37
C GLY A 39 4.82 -12.70 -1.04
N ALA A 40 6.01 -12.95 -1.59
CA ALA A 40 7.19 -12.17 -1.28
C ALA A 40 7.39 -11.03 -2.29
N ASN A 41 6.51 -10.91 -3.28
CA ASN A 41 6.65 -9.89 -4.32
C ASN A 41 5.31 -9.21 -4.62
N ALA A 42 4.63 -8.67 -3.61
CA ALA A 42 3.30 -8.10 -3.76
C ALA A 42 3.36 -6.59 -3.95
N ALA A 43 2.48 -6.01 -4.78
CA ALA A 43 2.32 -4.57 -4.88
C ALA A 43 0.85 -4.24 -4.56
N THR A 44 0.63 -3.52 -3.46
CA THR A 44 -0.71 -3.23 -2.99
C THR A 44 -0.84 -1.76 -2.63
N ILE A 45 -2.09 -1.34 -2.43
CA ILE A 45 -2.40 0.01 -1.97
C ILE A 45 -3.51 -0.05 -0.92
N TYR A 46 -3.39 0.81 0.10
CA TYR A 46 -4.33 1.00 1.21
C TYR A 46 -4.47 -0.23 2.12
N THR A 47 -3.51 -1.16 2.14
CA THR A 47 -3.71 -2.36 2.98
C THR A 47 -3.55 -2.07 4.48
N ASP A 48 -2.88 -0.99 4.88
CA ASP A 48 -2.66 -0.76 6.32
C ASP A 48 -3.94 -0.60 7.14
N LEU A 49 -4.98 -0.04 6.54
CA LEU A 49 -6.25 0.13 7.21
C LEU A 49 -7.03 -1.18 7.34
N LEU A 50 -6.52 -2.28 6.78
CA LEU A 50 -7.24 -3.53 6.77
C LEU A 50 -6.70 -4.48 7.84
N TYR A 51 -5.76 -4.01 8.66
CA TYR A 51 -5.26 -4.89 9.72
C TYR A 51 -6.03 -4.64 11.00
N PRO A 52 -6.03 -5.58 11.97
CA PRO A 52 -6.88 -5.45 13.16
C PRO A 52 -6.56 -4.27 14.05
N ASP A 53 -5.30 -3.82 14.05
CA ASP A 53 -4.88 -2.74 14.95
C ASP A 53 -5.05 -1.36 14.35
N SER A 54 -5.62 -1.27 13.13
N SER A 54 -5.61 -1.27 13.13
CA SER A 54 -5.96 0.00 12.52
CA SER A 54 -5.96 0.00 12.52
C SER A 54 -7.42 0.31 12.82
C SER A 54 -7.43 0.30 12.81
N VAL A 55 -7.84 1.56 12.65
CA VAL A 55 -9.24 1.94 12.80
C VAL A 55 -10.10 1.24 11.75
N MET A 56 -11.42 1.33 11.91
CA MET A 56 -12.33 0.66 11.01
C MET A 56 -12.50 1.59 9.83
N PRO A 57 -12.03 1.24 8.62
CA PRO A 57 -12.24 2.13 7.48
C PRO A 57 -13.59 1.91 6.83
N SER A 58 -13.84 2.72 5.82
CA SER A 58 -15.02 2.60 4.99
C SER A 58 -14.56 2.19 3.58
N VAL A 59 -14.48 0.86 3.39
CA VAL A 59 -14.07 0.29 2.13
C VAL A 59 -15.21 0.40 1.11
N THR A 60 -14.96 1.11 0.02
CA THR A 60 -15.94 1.36 -1.03
C THR A 60 -15.94 0.18 -2.00
N GLY A 61 -14.75 -0.32 -2.36
CA GLY A 61 -14.63 -1.52 -3.14
C GLY A 61 -13.19 -2.04 -3.06
N ILE A 62 -12.92 -3.19 -3.66
CA ILE A 62 -11.59 -3.78 -3.71
C ILE A 62 -11.34 -4.18 -5.14
N MET A 63 -10.12 -3.89 -5.64
CA MET A 63 -9.76 -4.11 -7.00
C MET A 63 -8.65 -5.14 -7.14
N LEU A 64 -8.79 -6.02 -8.15
CA LEU A 64 -7.76 -6.94 -8.60
C LEU A 64 -7.38 -6.49 -10.00
N THR A 65 -6.13 -6.14 -10.23
CA THR A 65 -5.75 -5.48 -11.48
C THR A 65 -4.47 -6.07 -12.04
N GLY A 66 -4.35 -6.06 -13.37
CA GLY A 66 -3.09 -6.26 -14.04
C GLY A 66 -2.28 -4.98 -14.09
N GLY A 67 -1.19 -5.04 -14.87
CA GLY A 67 -0.34 -3.88 -15.06
C GLY A 67 0.85 -3.80 -14.14
N SER A 68 1.13 -4.85 -13.35
CA SER A 68 2.19 -4.78 -12.35
C SER A 68 2.03 -3.51 -11.49
N ALA A 69 3.14 -2.94 -11.06
CA ALA A 69 3.10 -1.78 -10.19
C ALA A 69 2.32 -0.60 -10.79
N PHE A 70 2.32 -0.47 -12.12
CA PHE A 70 1.61 0.59 -12.81
C PHE A 70 0.11 0.53 -12.57
N GLY A 71 -0.41 -0.69 -12.45
CA GLY A 71 -1.84 -0.94 -12.45
C GLY A 71 -2.57 -0.42 -11.23
N LEU A 72 -1.84 -0.07 -10.15
CA LEU A 72 -2.50 0.53 -9.01
C LEU A 72 -3.13 1.89 -9.34
N GLU A 73 -2.71 2.53 -10.44
CA GLU A 73 -3.38 3.74 -10.89
C GLU A 73 -4.89 3.53 -11.09
N ALA A 74 -5.31 2.33 -11.55
CA ALA A 74 -6.71 2.06 -11.74
C ALA A 74 -7.49 2.17 -10.42
N ALA A 75 -6.86 1.84 -9.28
CA ALA A 75 -7.53 2.00 -8.00
C ALA A 75 -7.86 3.48 -7.75
N LEU A 76 -6.94 4.38 -8.08
CA LEU A 76 -7.20 5.81 -7.93
C LEU A 76 -8.28 6.28 -8.90
N GLY A 77 -8.37 5.66 -10.08
CA GLY A 77 -9.48 5.94 -10.98
C GLY A 77 -10.84 5.61 -10.39
N ALA A 78 -10.89 4.49 -9.66
CA ALA A 78 -12.08 4.08 -8.94
C ALA A 78 -12.39 5.04 -7.79
N VAL A 79 -11.35 5.48 -7.05
CA VAL A 79 -11.55 6.44 -5.97
C VAL A 79 -12.20 7.72 -6.52
N ARG A 80 -11.68 8.24 -7.63
CA ARG A 80 -12.24 9.43 -8.28
C ARG A 80 -13.70 9.22 -8.69
N TYR A 81 -14.00 8.07 -9.31
CA TYR A 81 -15.39 7.74 -9.66
C TYR A 81 -16.32 7.79 -8.45
N PHE A 82 -15.91 7.13 -7.35
CA PHE A 82 -16.75 7.00 -6.17
C PHE A 82 -16.95 8.36 -5.49
N GLU A 83 -15.91 9.20 -5.48
CA GLU A 83 -16.08 10.56 -4.96
C GLU A 83 -17.13 11.33 -5.77
N GLU A 84 -17.12 11.22 -7.09
CA GLU A 84 -18.13 11.88 -7.93
C GLU A 84 -19.54 11.37 -7.63
N GLN A 85 -19.68 10.09 -7.29
CA GLN A 85 -20.98 9.51 -6.95
C GLN A 85 -21.36 9.84 -5.51
N GLY A 86 -20.51 10.53 -4.74
CA GLY A 86 -20.87 10.88 -3.37
C GLY A 86 -20.66 9.76 -2.33
N ARG A 87 -19.77 8.77 -2.63
CA ARG A 87 -19.48 7.75 -1.66
C ARG A 87 -18.17 8.02 -0.92
N GLY A 88 -18.05 7.46 0.27
CA GLY A 88 -16.81 7.51 1.01
C GLY A 88 -17.03 8.12 2.39
N TYR A 89 -15.96 8.11 3.20
CA TYR A 89 -16.02 8.62 4.56
C TYR A 89 -16.19 10.14 4.52
N ASP A 90 -17.12 10.66 5.33
CA ASP A 90 -17.51 12.06 5.22
C ASP A 90 -16.70 12.87 6.22
N VAL A 91 -15.88 13.80 5.72
CA VAL A 91 -15.11 14.67 6.60
C VAL A 91 -15.62 16.09 6.54
N GLY A 92 -16.84 16.27 6.01
CA GLY A 92 -17.46 17.59 5.94
C GLY A 92 -17.04 18.35 4.68
N VAL A 93 -15.72 18.54 4.49
CA VAL A 93 -15.23 19.30 3.36
C VAL A 93 -15.09 18.39 2.14
N ALA A 94 -15.17 17.07 2.34
CA ALA A 94 -15.04 16.11 1.24
C ALA A 94 -15.55 14.76 1.73
N LYS A 95 -15.73 13.86 0.77
CA LYS A 95 -15.95 12.45 1.03
C LYS A 95 -14.73 11.68 0.50
N ILE A 96 -14.22 10.72 1.28
CA ILE A 96 -12.97 10.06 0.93
C ILE A 96 -13.25 8.58 0.73
N PRO A 97 -13.38 8.11 -0.51
CA PRO A 97 -13.55 6.68 -0.75
C PRO A 97 -12.23 5.94 -0.55
N LEU A 98 -12.30 4.61 -0.37
CA LEU A 98 -11.11 3.78 -0.20
C LEU A 98 -11.28 2.53 -1.07
N VAL A 99 -10.29 2.28 -1.93
CA VAL A 99 -10.30 1.14 -2.85
C VAL A 99 -8.96 0.43 -2.73
N PRO A 100 -8.81 -0.47 -1.73
CA PRO A 100 -7.62 -1.30 -1.66
C PRO A 100 -7.52 -2.18 -2.89
N ALA A 101 -6.29 -2.53 -3.27
CA ALA A 101 -6.04 -3.24 -4.51
C ALA A 101 -4.71 -3.97 -4.42
N ALA A 102 -4.63 -5.03 -5.20
CA ALA A 102 -3.39 -5.79 -5.43
C ALA A 102 -3.26 -6.07 -6.93
N VAL A 103 -2.03 -6.36 -7.38
CA VAL A 103 -1.74 -6.50 -8.79
C VAL A 103 -1.21 -7.91 -9.14
N ILE A 104 -1.35 -8.24 -10.44
CA ILE A 104 -0.57 -9.28 -11.07
C ILE A 104 0.34 -8.66 -12.12
N TYR A 105 1.41 -9.39 -12.47
CA TYR A 105 2.28 -9.06 -13.59
C TYR A 105 1.76 -9.75 -14.86
N ASP A 106 1.41 -8.92 -15.85
CA ASP A 106 0.82 -9.40 -17.10
C ASP A 106 1.43 -8.65 -18.29
N LEU A 107 2.61 -8.07 -18.13
CA LEU A 107 3.23 -7.25 -19.16
C LEU A 107 3.92 -8.12 -20.24
N SER A 108 4.15 -9.41 -20.00
CA SER A 108 4.91 -10.25 -20.93
C SER A 108 4.00 -10.94 -21.94
N VAL A 109 2.69 -10.68 -21.91
CA VAL A 109 1.79 -11.10 -22.96
C VAL A 109 1.02 -9.87 -23.44
N GLY A 110 0.77 -9.81 -24.75
CA GLY A 110 0.10 -8.67 -25.38
C GLY A 110 1.04 -7.48 -25.50
N ASP A 111 0.56 -6.34 -25.02
CA ASP A 111 1.27 -5.07 -25.15
C ASP A 111 1.73 -4.56 -23.79
N ALA A 112 3.06 -4.53 -23.56
CA ALA A 112 3.64 -4.17 -22.28
C ALA A 112 3.39 -2.71 -21.90
N ASN A 113 3.03 -1.89 -22.90
CA ASN A 113 2.95 -0.45 -22.71
C ASN A 113 1.53 -0.04 -22.30
N VAL A 114 0.58 -0.96 -22.31
CA VAL A 114 -0.78 -0.65 -21.90
C VAL A 114 -1.06 -1.29 -20.55
N ARG A 115 -1.45 -0.47 -19.56
CA ARG A 115 -1.77 -0.96 -18.24
C ARG A 115 -3.03 -0.30 -17.73
N PRO A 116 -3.76 -0.90 -16.77
CA PRO A 116 -4.91 -0.25 -16.18
C PRO A 116 -4.50 1.08 -15.57
N ASP A 117 -5.27 2.11 -15.93
CA ASP A 117 -4.96 3.51 -15.63
C ASP A 117 -6.20 4.13 -15.01
N LEU A 118 -6.16 5.45 -14.78
CA LEU A 118 -7.29 6.16 -14.18
C LEU A 118 -8.60 5.87 -14.91
N ALA A 119 -8.54 5.94 -16.24
CA ALA A 119 -9.75 5.74 -17.07
C ALA A 119 -10.26 4.31 -16.96
N MET A 120 -9.35 3.32 -17.00
CA MET A 120 -9.80 1.95 -16.99
C MET A 120 -10.42 1.58 -15.64
N GLY A 121 -9.89 2.15 -14.54
CA GLY A 121 -10.48 1.87 -13.24
C GLY A 121 -11.89 2.41 -13.14
N ARG A 122 -12.09 3.61 -13.68
CA ARG A 122 -13.42 4.19 -13.73
C ARG A 122 -14.37 3.32 -14.55
N ARG A 123 -13.91 2.83 -15.71
CA ARG A 123 -14.72 1.96 -16.56
C ARG A 123 -15.18 0.70 -15.80
N ALA A 124 -14.30 0.08 -14.99
CA ALA A 124 -14.72 -1.10 -14.25
C ALA A 124 -15.81 -0.76 -13.26
N CYS A 125 -15.74 0.42 -12.62
CA CYS A 125 -16.80 0.84 -11.69
C CYS A 125 -18.12 1.06 -12.43
N GLU A 126 -18.05 1.69 -13.61
CA GLU A 126 -19.23 1.95 -14.45
C GLU A 126 -19.92 0.64 -14.82
N ALA A 127 -19.13 -0.41 -15.05
CA ALA A 127 -19.62 -1.72 -15.44
C ALA A 127 -20.12 -2.57 -14.30
N ALA A 128 -19.99 -2.15 -13.03
CA ALA A 128 -20.25 -3.05 -11.91
C ALA A 128 -21.73 -3.31 -11.75
N LYS A 129 -22.11 -4.57 -11.68
CA LYS A 129 -23.52 -4.90 -11.55
C LYS A 129 -23.72 -6.11 -10.66
N PRO A 130 -24.96 -6.31 -10.18
CA PRO A 130 -25.31 -7.52 -9.45
C PRO A 130 -25.49 -8.72 -10.38
N GLY A 131 -25.68 -9.88 -9.78
CA GLY A 131 -25.96 -11.09 -10.51
C GLY A 131 -24.68 -11.73 -11.03
N PRO A 132 -24.81 -12.73 -11.93
CA PRO A 132 -23.66 -13.47 -12.43
C PRO A 132 -22.72 -12.59 -13.25
N PHE A 133 -21.42 -12.86 -13.15
CA PHE A 133 -20.44 -12.14 -13.94
C PHE A 133 -19.65 -13.17 -14.73
N GLU A 134 -18.97 -12.67 -15.76
CA GLU A 134 -18.17 -13.53 -16.61
C GLU A 134 -16.89 -13.93 -15.89
N ARG A 135 -16.36 -15.10 -16.25
CA ARG A 135 -15.13 -15.66 -15.71
C ARG A 135 -14.22 -16.02 -16.86
N GLY A 136 -13.00 -16.43 -16.56
CA GLY A 136 -11.98 -16.74 -17.54
C GLY A 136 -11.03 -15.58 -17.76
N ARG A 137 -10.65 -15.36 -19.03
CA ARG A 137 -9.72 -14.31 -19.38
C ARG A 137 -10.49 -13.00 -19.61
N VAL A 138 -10.91 -12.39 -18.51
CA VAL A 138 -11.67 -11.16 -18.50
C VAL A 138 -11.22 -10.34 -17.30
N GLY A 139 -11.42 -9.01 -17.37
CA GLY A 139 -11.08 -8.12 -16.27
C GLY A 139 -9.64 -8.33 -15.83
N GLY A 140 -9.45 -8.48 -14.50
CA GLY A 140 -8.11 -8.65 -13.98
C GLY A 140 -7.43 -9.94 -14.42
N GLY A 141 -8.20 -10.90 -14.93
CA GLY A 141 -7.64 -12.15 -15.41
C GLY A 141 -7.34 -12.21 -16.91
N THR A 142 -7.51 -11.09 -17.64
CA THR A 142 -7.41 -11.08 -19.11
C THR A 142 -6.04 -11.58 -19.55
N GLY A 143 -4.97 -11.10 -18.91
CA GLY A 143 -3.59 -11.42 -19.28
C GLY A 143 -2.90 -12.46 -18.38
N ALA A 144 -3.68 -13.14 -17.53
CA ALA A 144 -3.16 -14.13 -16.57
C ALA A 144 -2.63 -15.39 -17.26
N THR A 145 -1.49 -15.86 -16.75
CA THR A 145 -0.84 -17.10 -17.15
C THR A 145 -0.44 -17.91 -15.90
N VAL A 146 -0.32 -19.22 -16.09
CA VAL A 146 0.06 -20.17 -15.04
C VAL A 146 1.24 -21.02 -15.50
N GLY A 147 2.26 -21.09 -14.65
CA GLY A 147 3.36 -22.01 -14.82
C GLY A 147 4.50 -21.39 -15.62
N LYS A 148 5.33 -20.58 -14.96
CA LYS A 148 6.30 -19.74 -15.65
C LYS A 148 7.75 -20.16 -15.42
N LEU A 149 7.99 -21.39 -14.96
CA LEU A 149 9.36 -21.87 -14.78
C LEU A 149 10.24 -21.57 -16.01
N TYR A 150 9.70 -21.82 -17.20
CA TYR A 150 10.48 -21.65 -18.44
C TYR A 150 10.08 -20.36 -19.16
N GLY A 151 9.45 -19.41 -18.46
CA GLY A 151 8.96 -18.22 -19.10
C GLY A 151 7.55 -18.40 -19.62
N VAL A 152 7.00 -17.26 -20.06
CA VAL A 152 5.61 -17.16 -20.42
C VAL A 152 5.31 -17.95 -21.69
N ARG A 153 6.32 -18.20 -22.52
CA ARG A 153 6.07 -18.89 -23.78
C ARG A 153 5.68 -20.36 -23.54
N GLN A 154 6.09 -20.94 -22.40
CA GLN A 154 5.75 -22.32 -22.08
C GLN A 154 4.69 -22.42 -20.97
N SER A 155 3.95 -21.34 -20.76
CA SER A 155 2.93 -21.31 -19.72
C SER A 155 1.58 -21.76 -20.25
N SER A 156 0.63 -21.94 -19.34
CA SER A 156 -0.76 -22.20 -19.67
C SER A 156 -1.55 -20.92 -19.44
N PRO A 157 -2.73 -20.74 -20.07
CA PRO A 157 -3.64 -19.67 -19.71
C PRO A 157 -4.12 -19.74 -18.27
N GLY A 158 -4.19 -18.57 -17.61
CA GLY A 158 -4.82 -18.46 -16.32
C GLY A 158 -6.18 -17.79 -16.48
N GLY A 159 -6.65 -17.09 -15.45
CA GLY A 159 -7.92 -16.37 -15.54
C GLY A 159 -8.44 -15.96 -14.19
N LEU A 160 -9.70 -15.53 -14.22
CA LEU A 160 -10.48 -15.14 -13.06
C LEU A 160 -11.58 -16.17 -12.86
N GLY A 161 -11.70 -16.66 -11.62
CA GLY A 161 -12.68 -17.66 -11.25
C GLY A 161 -13.44 -17.29 -9.99
N THR A 162 -14.53 -18.00 -9.73
CA THR A 162 -15.34 -17.71 -8.56
C THR A 162 -16.01 -19.00 -8.10
N ALA A 163 -16.37 -19.06 -6.81
CA ALA A 163 -17.11 -20.19 -6.25
C ALA A 163 -17.81 -19.74 -4.98
N THR A 164 -18.91 -20.42 -4.64
CA THR A 164 -19.64 -20.20 -3.40
C THR A 164 -19.76 -21.54 -2.68
N VAL A 165 -19.45 -21.53 -1.37
CA VAL A 165 -19.66 -22.65 -0.48
C VAL A 165 -20.82 -22.27 0.45
N SER A 166 -21.79 -23.18 0.56
CA SER A 166 -22.94 -23.04 1.45
C SER A 166 -22.75 -23.86 2.72
N LEU A 167 -22.99 -23.24 3.86
CA LEU A 167 -22.96 -23.90 5.14
C LEU A 167 -24.40 -23.95 5.66
N TYR A 168 -24.58 -24.39 6.91
CA TYR A 168 -25.90 -24.41 7.55
C TYR A 168 -26.43 -23.00 7.77
N GLY A 169 -27.77 -22.89 7.90
CA GLY A 169 -28.40 -21.70 8.42
C GLY A 169 -28.32 -20.47 7.54
N GLY A 170 -28.20 -20.68 6.23
CA GLY A 170 -28.15 -19.57 5.27
C GLY A 170 -26.75 -18.95 5.16
N ILE A 171 -25.75 -19.53 5.83
CA ILE A 171 -24.39 -18.97 5.80
C ILE A 171 -23.78 -19.29 4.44
N LYS A 172 -23.06 -18.31 3.87
CA LYS A 172 -22.33 -18.50 2.62
C LYS A 172 -20.94 -17.89 2.72
N VAL A 173 -19.98 -18.51 2.01
CA VAL A 173 -18.66 -17.96 1.84
C VAL A 173 -18.33 -18.09 0.36
N SER A 174 -17.97 -16.98 -0.31
CA SER A 174 -17.69 -16.98 -1.72
C SER A 174 -16.30 -16.43 -1.97
N ALA A 175 -15.73 -16.76 -3.10
CA ALA A 175 -14.41 -16.30 -3.46
C ALA A 175 -14.41 -15.85 -4.90
N MET A 176 -13.47 -14.92 -5.21
CA MET A 176 -13.19 -14.48 -6.56
C MET A 176 -11.68 -14.34 -6.63
N ILE A 177 -11.05 -15.10 -7.52
CA ILE A 177 -9.60 -15.27 -7.55
C ILE A 177 -9.09 -14.99 -8.97
N VAL A 178 -7.96 -14.28 -9.08
CA VAL A 178 -7.23 -14.17 -10.32
C VAL A 178 -6.00 -15.07 -10.18
N VAL A 179 -5.90 -16.10 -11.03
CA VAL A 179 -4.79 -17.05 -10.99
C VAL A 179 -3.77 -16.68 -12.07
N ASN A 180 -2.60 -16.20 -11.62
CA ASN A 180 -1.46 -15.85 -12.47
C ASN A 180 -0.21 -16.51 -11.88
N SER A 181 -0.38 -17.72 -11.36
CA SER A 181 0.59 -18.32 -10.45
C SER A 181 1.88 -18.69 -11.18
N PHE A 182 2.99 -18.54 -10.49
CA PHE A 182 4.25 -19.10 -10.94
C PHE A 182 4.15 -20.62 -11.06
N GLY A 183 3.50 -21.26 -10.07
CA GLY A 183 3.42 -22.70 -9.98
C GLY A 183 2.27 -23.27 -10.83
N ASP A 184 2.12 -24.60 -10.75
CA ASP A 184 1.14 -25.37 -11.49
C ASP A 184 -0.14 -25.50 -10.65
N LEU A 185 -1.27 -25.67 -11.32
CA LEU A 185 -2.57 -25.86 -10.72
C LEU A 185 -2.93 -27.34 -10.92
N ARG A 186 -3.33 -27.98 -9.82
CA ARG A 186 -3.81 -29.35 -9.78
C ARG A 186 -5.27 -29.39 -9.34
N ASP A 187 -6.01 -30.37 -9.88
CA ASP A 187 -7.38 -30.64 -9.44
C ASP A 187 -7.37 -31.43 -8.14
N THR A 188 -8.56 -31.86 -7.67
CA THR A 188 -8.69 -32.43 -6.33
C THR A 188 -8.13 -33.85 -6.28
N ALA A 189 -8.03 -34.50 -7.44
CA ALA A 189 -7.38 -35.81 -7.58
C ALA A 189 -5.85 -35.68 -7.60
N GLY A 190 -5.34 -34.47 -7.89
CA GLY A 190 -3.90 -34.22 -7.92
C GLY A 190 -3.33 -34.26 -9.33
N ARG A 191 -4.18 -34.19 -10.38
CA ARG A 191 -3.72 -34.08 -11.75
C ARG A 191 -3.38 -32.63 -12.13
N ILE A 192 -2.32 -32.45 -12.93
CA ILE A 192 -1.96 -31.11 -13.38
C ILE A 192 -2.94 -30.67 -14.44
N VAL A 193 -3.63 -29.54 -14.26
CA VAL A 193 -4.57 -29.08 -15.26
C VAL A 193 -4.06 -27.83 -15.97
N ALA A 194 -3.12 -27.11 -15.36
CA ALA A 194 -2.53 -25.95 -15.99
C ALA A 194 -1.15 -25.79 -15.39
N GLY A 195 -0.16 -25.39 -16.18
CA GLY A 195 1.20 -25.35 -15.68
C GLY A 195 2.26 -25.23 -16.77
N ALA A 196 3.52 -25.21 -16.34
CA ALA A 196 4.66 -25.13 -17.25
C ALA A 196 4.70 -26.36 -18.16
N LYS A 197 5.03 -26.16 -19.44
CA LYS A 197 5.11 -27.23 -20.44
C LYS A 197 6.54 -27.36 -20.98
N TYR A 198 6.98 -28.61 -21.19
CA TYR A 198 8.21 -28.87 -21.93
C TYR A 198 8.01 -28.41 -23.38
N GLU A 199 9.13 -28.18 -24.08
CA GLU A 199 9.05 -27.81 -25.49
C GLU A 199 8.36 -28.91 -26.29
N GLY A 200 8.62 -30.17 -25.95
CA GLY A 200 8.01 -31.32 -26.61
C GLY A 200 6.52 -31.51 -26.34
N GLY A 201 5.97 -30.84 -25.30
CA GLY A 201 4.55 -30.50 -25.23
C GLY A 201 3.85 -30.84 -23.90
N GLU A 202 4.34 -31.82 -23.14
CA GLU A 202 3.61 -32.25 -21.92
C GLU A 202 3.87 -31.27 -20.76
N PHE A 203 2.99 -31.28 -19.75
CA PHE A 203 3.30 -30.62 -18.48
C PHE A 203 4.61 -31.15 -17.90
N ALA A 204 5.46 -30.24 -17.45
CA ALA A 204 6.76 -30.60 -16.93
C ALA A 204 6.72 -31.04 -15.49
N ASP A 205 5.72 -30.58 -14.72
CA ASP A 205 5.71 -30.70 -13.25
C ASP A 205 6.77 -29.77 -12.63
N THR A 206 6.36 -28.52 -12.39
CA THR A 206 7.28 -27.47 -11.99
C THR A 206 8.10 -27.89 -10.77
N TYR A 207 7.43 -28.37 -9.73
CA TYR A 207 8.15 -28.68 -8.49
C TYR A 207 9.17 -29.80 -8.71
N ALA A 208 8.76 -30.86 -9.42
CA ALA A 208 9.68 -31.97 -9.71
C ALA A 208 10.92 -31.46 -10.44
N ARG A 209 10.74 -30.56 -11.41
CA ARG A 209 11.84 -30.01 -12.20
C ARG A 209 12.76 -29.14 -11.35
N MET A 210 12.15 -28.33 -10.47
CA MET A 210 12.96 -27.55 -9.56
C MET A 210 13.82 -28.42 -8.62
N LYS A 211 13.27 -29.54 -8.13
CA LYS A 211 14.03 -30.45 -7.27
C LYS A 211 15.22 -31.07 -8.02
N LEU A 212 15.11 -31.25 -9.32
CA LEU A 212 16.17 -31.76 -10.20
C LEU A 212 17.20 -30.69 -10.51
N GLY A 213 16.87 -29.41 -10.36
CA GLY A 213 17.83 -28.34 -10.56
C GLY A 213 17.48 -27.32 -11.64
N ASP A 214 16.31 -27.42 -12.31
CA ASP A 214 15.92 -26.41 -13.28
C ASP A 214 15.67 -25.10 -12.54
N LYS A 215 16.13 -24.01 -13.16
CA LYS A 215 16.17 -22.69 -12.55
C LYS A 215 15.06 -21.83 -13.12
N ASN A 216 14.54 -20.95 -12.26
CA ASN A 216 13.42 -20.08 -12.58
C ASN A 216 13.87 -19.07 -13.64
N GLN A 217 13.23 -19.09 -14.82
CA GLN A 217 13.56 -18.17 -15.88
C GLN A 217 12.44 -17.15 -16.13
N SER A 218 11.54 -16.96 -15.16
CA SER A 218 10.46 -16.00 -15.38
C SER A 218 11.02 -14.58 -15.28
N ALA A 219 10.28 -13.62 -15.85
CA ALA A 219 10.74 -12.24 -15.96
C ALA A 219 11.10 -11.65 -14.59
N LEU A 220 10.43 -12.07 -13.50
CA LEU A 220 10.69 -11.47 -12.20
C LEU A 220 11.76 -12.21 -11.41
N ALA A 221 12.36 -13.26 -11.99
CA ALA A 221 13.20 -14.19 -11.25
C ALA A 221 14.45 -13.54 -10.65
N ARG A 222 14.95 -12.43 -11.21
CA ARG A 222 16.22 -11.85 -10.75
C ARG A 222 16.11 -11.18 -9.37
N MET A 223 14.91 -11.01 -8.81
CA MET A 223 14.75 -10.23 -7.57
C MET A 223 15.11 -11.09 -6.34
N THR A 227 1.74 -14.94 -9.24
CA THR A 227 0.84 -14.32 -8.21
C THR A 227 -0.57 -14.85 -8.34
N THR A 228 -1.23 -15.06 -7.20
CA THR A 228 -2.64 -15.35 -7.12
C THR A 228 -3.27 -14.36 -6.16
N ILE A 229 -4.28 -13.60 -6.59
CA ILE A 229 -4.88 -12.59 -5.72
C ILE A 229 -6.38 -12.82 -5.70
N GLY A 230 -7.02 -12.45 -4.62
CA GLY A 230 -8.44 -12.69 -4.58
C GLY A 230 -9.12 -12.07 -3.38
N ILE A 231 -10.44 -12.24 -3.38
CA ILE A 231 -11.33 -11.78 -2.35
C ILE A 231 -12.15 -12.97 -1.87
N VAL A 232 -12.29 -13.13 -0.56
CA VAL A 232 -13.22 -14.08 0.04
C VAL A 232 -14.19 -13.24 0.88
N SER A 233 -15.48 -13.56 0.78
CA SER A 233 -16.52 -12.76 1.39
C SER A 233 -17.57 -13.66 2.02
N THR A 234 -18.12 -13.23 3.15
CA THR A 234 -19.18 -13.98 3.83
C THR A 234 -20.31 -13.02 4.20
N ASN A 235 -21.52 -13.58 4.32
CA ASN A 235 -22.68 -12.85 4.79
C ASN A 235 -22.78 -12.88 6.33
N CYS A 236 -21.82 -13.53 7.03
CA CYS A 236 -21.71 -13.40 8.48
C CYS A 236 -21.17 -12.05 8.90
N ARG A 237 -21.56 -11.62 10.10
CA ARG A 237 -20.92 -10.49 10.76
C ARG A 237 -19.55 -10.91 11.31
N LEU A 238 -18.50 -10.12 11.08
CA LEU A 238 -17.16 -10.41 11.59
C LEU A 238 -16.64 -9.18 12.33
N THR A 239 -15.74 -9.39 13.28
CA THR A 239 -14.87 -8.33 13.78
C THR A 239 -13.66 -8.22 12.84
N LYS A 240 -12.88 -7.14 12.99
CA LYS A 240 -11.67 -6.95 12.19
C LYS A 240 -10.69 -8.12 12.38
N VAL A 241 -10.51 -8.59 13.63
CA VAL A 241 -9.61 -9.69 13.94
C VAL A 241 -10.08 -10.93 13.21
N GLU A 242 -11.37 -11.17 13.20
CA GLU A 242 -11.90 -12.34 12.51
C GLU A 242 -11.73 -12.26 10.97
N ALA A 243 -11.96 -11.09 10.38
CA ALA A 243 -11.79 -10.95 8.95
C ALA A 243 -10.33 -11.23 8.57
N SER A 244 -9.37 -10.76 9.39
CA SER A 244 -7.96 -11.04 9.08
C SER A 244 -7.63 -12.52 9.26
N ARG A 245 -8.22 -13.19 10.24
CA ARG A 245 -8.04 -14.63 10.40
C ARG A 245 -8.63 -15.41 9.21
N MET A 246 -9.79 -14.98 8.71
CA MET A 246 -10.39 -15.60 7.54
C MET A 246 -9.46 -15.49 6.32
N ALA A 247 -8.88 -14.31 6.09
CA ALA A 247 -7.94 -14.11 4.99
C ALA A 247 -6.72 -15.05 5.13
N THR A 248 -6.18 -15.18 6.36
CA THR A 248 -5.04 -16.04 6.61
C THR A 248 -5.38 -17.50 6.29
N LEU A 249 -6.53 -17.99 6.76
CA LEU A 249 -6.92 -19.37 6.53
C LEU A 249 -7.24 -19.66 5.08
N ALA A 250 -7.72 -18.68 4.32
CA ALA A 250 -8.03 -18.86 2.91
C ALA A 250 -6.79 -19.27 2.10
N HIS A 251 -5.61 -18.79 2.50
CA HIS A 251 -4.39 -19.18 1.78
C HIS A 251 -4.17 -20.71 1.79
N ASN A 252 -4.74 -21.42 2.77
CA ASN A 252 -4.60 -22.86 2.81
C ASN A 252 -5.24 -23.50 1.57
N GLY A 253 -6.28 -22.85 1.05
CA GLY A 253 -6.93 -23.29 -0.19
C GLY A 253 -6.05 -23.11 -1.42
N LEU A 254 -5.31 -21.98 -1.46
CA LEU A 254 -4.36 -21.75 -2.52
C LEU A 254 -3.28 -22.83 -2.48
N ALA A 255 -2.79 -23.18 -1.27
CA ALA A 255 -1.76 -24.21 -1.12
C ALA A 255 -2.22 -25.59 -1.61
N ARG A 256 -3.51 -25.90 -1.48
CA ARG A 256 -4.04 -27.17 -1.93
C ARG A 256 -4.12 -27.25 -3.46
N ALA A 257 -4.33 -26.11 -4.14
CA ALA A 257 -4.49 -26.10 -5.59
C ALA A 257 -3.18 -25.84 -6.33
N ILE A 258 -2.28 -25.04 -5.76
CA ILE A 258 -1.19 -24.47 -6.53
C ILE A 258 0.14 -24.91 -5.91
N CYS A 259 1.12 -25.32 -6.75
CA CYS A 259 2.40 -25.75 -6.20
C CYS A 259 3.51 -25.53 -7.22
N PRO A 260 4.62 -24.85 -6.90
CA PRO A 260 4.80 -24.12 -5.65
C PRO A 260 3.90 -22.89 -5.53
N ILE A 261 3.79 -22.39 -4.29
CA ILE A 261 2.94 -21.21 -3.99
C ILE A 261 3.75 -20.30 -3.07
N HIS A 262 3.39 -19.01 -2.99
CA HIS A 262 4.01 -18.05 -2.08
C HIS A 262 5.51 -17.95 -2.36
N THR A 263 5.91 -18.04 -3.65
CA THR A 263 7.32 -18.04 -4.03
C THR A 263 7.84 -16.58 -4.02
N ASN A 264 9.13 -16.42 -4.34
CA ASN A 264 9.74 -15.10 -4.40
C ASN A 264 9.25 -14.31 -5.62
N VAL A 265 8.58 -14.92 -6.60
CA VAL A 265 8.04 -14.15 -7.70
C VAL A 265 6.54 -13.98 -7.57
N ASP A 266 5.95 -14.43 -6.45
CA ASP A 266 4.50 -14.34 -6.30
C ASP A 266 4.13 -13.21 -5.36
N GLY A 267 3.09 -12.46 -5.71
CA GLY A 267 2.54 -11.40 -4.86
C GLY A 267 1.20 -11.79 -4.22
N ASP A 268 1.08 -13.07 -3.83
CA ASP A 268 -0.18 -13.66 -3.40
C ASP A 268 -0.79 -12.89 -2.24
N THR A 269 -2.04 -12.47 -2.41
CA THR A 269 -2.75 -11.61 -1.47
C THR A 269 -4.20 -12.05 -1.45
N ILE A 270 -4.75 -12.24 -0.25
CA ILE A 270 -6.18 -12.47 -0.09
C ILE A 270 -6.76 -11.36 0.77
N PHE A 271 -7.84 -10.75 0.25
CA PHE A 271 -8.67 -9.83 1.01
C PHE A 271 -9.88 -10.62 1.51
N ALA A 272 -10.37 -10.31 2.72
CA ALA A 272 -11.57 -10.95 3.26
C ALA A 272 -12.55 -9.87 3.72
N THR A 273 -13.85 -10.17 3.56
CA THR A 273 -14.88 -9.28 4.05
C THR A 273 -15.97 -10.06 4.78
N GLY A 274 -16.50 -9.45 5.84
CA GLY A 274 -17.80 -9.82 6.39
C GLY A 274 -18.69 -8.58 6.45
N LEU A 275 -19.97 -8.76 6.78
CA LEU A 275 -20.94 -7.65 6.83
C LEU A 275 -20.88 -7.01 8.20
N GLN A 276 -20.99 -5.68 8.26
CA GLN A 276 -21.04 -4.99 9.54
C GLN A 276 -22.39 -5.27 10.23
N LYS A 277 -23.46 -5.34 9.44
CA LYS A 277 -24.80 -5.54 9.95
C LYS A 277 -25.32 -6.87 9.43
N SER A 278 -25.32 -7.87 10.27
CA SER A 278 -25.86 -9.15 9.87
C SER A 278 -26.18 -9.86 11.17
N ASP A 279 -27.19 -10.70 11.13
CA ASP A 279 -27.57 -11.51 12.27
C ASP A 279 -26.91 -12.88 12.21
N LEU A 280 -26.15 -13.22 11.15
CA LEU A 280 -25.54 -14.53 11.04
C LEU A 280 -24.14 -14.47 11.63
N THR A 281 -23.84 -15.40 12.54
CA THR A 281 -22.48 -15.55 13.04
C THR A 281 -22.11 -17.02 13.02
N ALA A 282 -20.80 -17.31 12.94
CA ALA A 282 -20.33 -18.68 12.98
C ALA A 282 -18.89 -18.64 13.46
N PRO A 283 -18.30 -19.72 14.02
CA PRO A 283 -16.89 -19.66 14.43
C PRO A 283 -15.99 -19.36 13.23
N VAL A 284 -14.97 -18.57 13.47
CA VAL A 284 -14.14 -18.06 12.40
C VAL A 284 -13.26 -19.18 11.81
N ASP A 285 -12.98 -20.23 12.58
CA ASP A 285 -12.18 -21.34 12.08
C ASP A 285 -12.97 -22.16 11.06
N LEU A 286 -14.29 -22.30 11.26
CA LEU A 286 -15.13 -22.90 10.24
C LEU A 286 -15.22 -22.02 8.99
N LEU A 287 -15.44 -20.69 9.18
CA LEU A 287 -15.57 -19.78 8.04
C LEU A 287 -14.28 -19.79 7.22
N GLY A 288 -13.15 -19.80 7.92
CA GLY A 288 -11.85 -19.82 7.28
C GLY A 288 -11.58 -21.09 6.49
N THR A 289 -12.02 -22.24 7.01
CA THR A 289 -11.93 -23.51 6.30
C THR A 289 -12.79 -23.48 5.03
N ALA A 290 -14.00 -22.93 5.16
CA ALA A 290 -14.85 -22.74 3.99
C ALA A 290 -14.25 -21.74 3.01
N ALA A 291 -13.60 -20.67 3.51
CA ALA A 291 -12.95 -19.71 2.62
C ALA A 291 -11.85 -20.43 1.80
N ALA A 292 -11.10 -21.31 2.47
CA ALA A 292 -10.09 -22.12 1.80
C ALA A 292 -10.71 -22.98 0.70
N GLU A 293 -11.84 -23.62 0.99
CA GLU A 293 -12.48 -24.46 -0.01
C GLU A 293 -12.94 -23.62 -1.20
N ALA A 294 -13.62 -22.49 -0.93
CA ALA A 294 -14.08 -21.57 -1.97
C ALA A 294 -12.91 -21.06 -2.82
N ALA A 295 -11.79 -20.69 -2.18
CA ALA A 295 -10.63 -20.21 -2.90
C ALA A 295 -10.10 -21.28 -3.84
N MET A 296 -9.98 -22.51 -3.33
CA MET A 296 -9.47 -23.62 -4.13
C MET A 296 -10.38 -23.88 -5.34
N LEU A 297 -11.70 -23.89 -5.13
CA LEU A 297 -12.65 -24.12 -6.21
C LEU A 297 -12.61 -22.99 -7.25
N ALA A 298 -12.46 -21.72 -6.81
CA ALA A 298 -12.35 -20.58 -7.69
C ALA A 298 -11.10 -20.65 -8.57
N CYS A 299 -10.00 -21.17 -8.04
CA CYS A 299 -8.78 -21.36 -8.82
C CYS A 299 -9.04 -22.27 -10.02
N LEU A 300 -9.77 -23.38 -9.79
CA LEU A 300 -10.10 -24.32 -10.85
C LEU A 300 -11.09 -23.71 -11.83
N ASP A 301 -12.06 -22.96 -11.31
CA ASP A 301 -13.05 -22.26 -12.13
C ASP A 301 -12.38 -21.34 -13.16
N ALA A 302 -11.28 -20.69 -12.76
CA ALA A 302 -10.59 -19.73 -13.58
C ALA A 302 -10.11 -20.38 -14.88
N VAL A 303 -9.75 -21.66 -14.84
CA VAL A 303 -9.19 -22.33 -16.01
C VAL A 303 -10.19 -23.25 -16.71
N MET A 304 -11.38 -23.52 -16.16
CA MET A 304 -12.40 -24.32 -16.83
C MET A 304 -13.23 -23.45 -17.78
N GLN A 305 -12.83 -22.20 -18.01
CA GLN A 305 -13.51 -21.28 -18.93
C GLN A 305 -12.62 -21.06 -20.17
N MET B 1 19.73 17.50 7.02
CA MET B 1 19.62 17.70 5.55
C MET B 1 19.83 16.34 4.87
N LEU B 2 18.74 15.76 4.40
CA LEU B 2 18.69 14.41 3.90
C LEU B 2 19.70 14.20 2.76
N THR B 3 19.94 15.24 1.96
CA THR B 3 20.89 15.18 0.85
C THR B 3 22.35 15.09 1.31
N ASP B 4 22.61 15.14 2.61
CA ASP B 4 23.93 14.81 3.12
C ASP B 4 24.30 13.35 2.86
N ILE B 5 23.29 12.49 2.59
CA ILE B 5 23.54 11.08 2.37
C ILE B 5 23.74 10.85 0.88
N ASP B 6 24.76 10.07 0.56
CA ASP B 6 25.19 9.85 -0.81
C ASP B 6 24.03 9.46 -1.72
N GLY B 7 23.90 10.16 -2.83
CA GLY B 7 23.02 9.73 -3.89
C GLY B 7 21.59 10.28 -3.77
N ILE B 8 21.25 11.00 -2.70
CA ILE B 8 19.87 11.42 -2.52
C ILE B 8 19.66 12.82 -3.10
N ARG B 9 18.60 12.98 -3.92
CA ARG B 9 18.14 14.27 -4.32
C ARG B 9 16.72 14.45 -3.76
N VAL B 10 16.36 15.70 -3.45
CA VAL B 10 15.04 16.00 -2.92
C VAL B 10 14.38 17.07 -3.79
N GLY B 11 13.11 16.84 -4.10
CA GLY B 11 12.32 17.78 -4.87
C GLY B 11 10.98 18.01 -4.19
N HIS B 12 10.53 19.26 -4.18
CA HIS B 12 9.21 19.64 -3.72
C HIS B 12 8.33 20.08 -4.90
N ALA B 13 7.03 19.86 -4.76
CA ALA B 13 6.01 20.57 -5.51
C ALA B 13 5.05 21.14 -4.48
N THR B 14 4.73 22.42 -4.63
CA THR B 14 4.06 23.21 -3.61
C THR B 14 2.90 23.97 -4.24
N ASP B 15 1.71 23.82 -3.68
CA ASP B 15 0.58 24.65 -4.06
C ASP B 15 0.18 25.48 -2.85
N ALA B 16 0.63 26.75 -2.87
CA ALA B 16 0.48 27.69 -1.77
C ALA B 16 -0.96 28.22 -1.68
N ARG B 17 -1.75 28.10 -2.74
CA ARG B 17 -3.15 28.55 -2.68
C ARG B 17 -4.05 27.46 -2.12
N ALA B 18 -3.93 26.23 -2.65
CA ALA B 18 -4.71 25.10 -2.14
C ALA B 18 -4.18 24.61 -0.79
N MET B 19 -2.90 24.93 -0.47
CA MET B 19 -2.27 24.47 0.76
CA MET B 19 -2.28 24.47 0.76
C MET B 19 -2.15 22.93 0.75
N THR B 20 -1.38 22.44 -0.23
CA THR B 20 -1.04 21.03 -0.34
C THR B 20 0.23 20.95 -1.17
N GLY B 21 0.79 19.76 -1.24
CA GLY B 21 2.00 19.52 -2.02
C GLY B 21 2.54 18.12 -1.76
N CYS B 22 3.72 17.85 -2.30
CA CYS B 22 4.37 16.56 -2.13
C CYS B 22 5.87 16.79 -2.24
N THR B 23 6.61 15.87 -1.63
CA THR B 23 8.05 15.90 -1.62
C THR B 23 8.56 14.51 -1.99
N ILE B 24 9.58 14.43 -2.85
CA ILE B 24 10.14 13.15 -3.19
C ILE B 24 11.62 13.17 -2.87
N ALA B 25 12.08 12.05 -2.26
CA ALA B 25 13.50 11.73 -2.18
C ALA B 25 13.82 10.71 -3.28
N VAL B 26 14.76 11.07 -4.14
CA VAL B 26 15.15 10.24 -5.27
C VAL B 26 16.51 9.61 -4.96
N PHE B 27 16.66 8.30 -5.25
CA PHE B 27 17.86 7.59 -4.88
C PHE B 27 18.68 7.30 -6.14
N ASP B 28 19.78 8.01 -6.31
CA ASP B 28 20.67 7.82 -7.47
C ASP B 28 21.62 6.67 -7.22
N GLU B 29 21.86 6.33 -5.95
CA GLU B 29 22.61 5.13 -5.60
C GLU B 29 21.63 4.10 -5.05
N PRO B 30 21.77 2.80 -5.37
CA PRO B 30 20.82 1.79 -4.89
C PRO B 30 20.72 1.71 -3.36
N VAL B 31 19.49 1.59 -2.85
CA VAL B 31 19.26 1.57 -1.41
C VAL B 31 18.65 0.24 -0.98
N VAL B 32 18.82 -0.05 0.31
CA VAL B 32 18.14 -1.13 1.01
C VAL B 32 17.06 -0.51 1.90
N PRO B 33 15.79 -0.85 1.69
CA PRO B 33 14.72 -0.15 2.40
C PRO B 33 14.02 -0.96 3.48
N GLY B 34 13.38 -0.24 4.40
CA GLY B 34 12.57 -0.78 5.46
C GLY B 34 11.46 0.19 5.81
N VAL B 35 10.48 -0.28 6.57
CA VAL B 35 9.36 0.59 6.90
C VAL B 35 8.76 0.15 8.24
N ASP B 36 8.19 1.10 8.97
CA ASP B 36 7.38 0.80 10.15
C ASP B 36 6.18 1.75 10.14
N VAL B 37 5.01 1.16 9.93
CA VAL B 37 3.75 1.86 9.94
C VAL B 37 3.15 1.69 11.32
N ARG B 38 3.22 2.72 12.17
CA ARG B 38 2.83 2.56 13.55
C ARG B 38 1.48 3.21 13.83
N GLY B 39 1.08 4.22 13.05
CA GLY B 39 -0.18 4.89 13.31
C GLY B 39 -1.35 3.99 12.94
N ALA B 40 -2.54 4.28 13.50
CA ALA B 40 -3.70 3.43 13.27
C ALA B 40 -4.53 3.88 12.06
N ASN B 41 -4.12 4.97 11.38
CA ASN B 41 -4.91 5.51 10.28
C ASN B 41 -3.99 5.91 9.13
N ALA B 42 -3.18 4.98 8.63
CA ALA B 42 -2.18 5.28 7.60
C ALA B 42 -2.72 4.91 6.21
N ALA B 43 -2.36 5.69 5.19
CA ALA B 43 -2.62 5.31 3.81
C ALA B 43 -1.28 5.33 3.08
N THR B 44 -0.89 4.18 2.54
CA THR B 44 0.41 4.01 1.92
C THR B 44 0.26 3.20 0.63
N ILE B 45 1.34 3.17 -0.12
CA ILE B 45 1.43 2.36 -1.34
C ILE B 45 2.81 1.73 -1.44
N TYR B 46 2.83 0.46 -1.92
CA TYR B 46 4.05 -0.31 -2.17
C TYR B 46 4.80 -0.68 -0.90
N THR B 47 4.19 -0.64 0.29
CA THR B 47 4.98 -0.96 1.49
C THR B 47 5.28 -2.45 1.65
N ASP B 48 4.57 -3.39 0.98
CA ASP B 48 4.83 -4.79 1.28
C ASP B 48 6.24 -5.24 0.86
N LEU B 49 6.77 -4.62 -0.19
CA LEU B 49 8.12 -4.92 -0.66
C LEU B 49 9.19 -4.37 0.25
N LEU B 50 8.82 -3.60 1.27
CA LEU B 50 9.78 -2.97 2.15
CA LEU B 50 9.81 -3.00 2.14
C LEU B 50 9.95 -3.77 3.45
N TYR B 51 9.31 -4.93 3.57
CA TYR B 51 9.50 -5.72 4.76
C TYR B 51 10.60 -6.74 4.54
N PRO B 52 11.18 -7.30 5.62
CA PRO B 52 12.33 -8.17 5.47
C PRO B 52 12.08 -9.51 4.77
N ASP B 53 10.85 -10.02 4.86
CA ASP B 53 10.53 -11.30 4.23
C ASP B 53 10.05 -11.16 2.77
N SER B 54 10.12 -9.94 2.20
CA SER B 54 9.86 -9.72 0.78
C SER B 54 11.20 -9.70 0.05
N VAL B 55 11.17 -9.86 -1.26
CA VAL B 55 12.35 -9.74 -2.10
C VAL B 55 12.93 -8.32 -2.01
N MET B 56 14.16 -8.17 -2.50
CA MET B 56 14.82 -6.86 -2.51
C MET B 56 14.27 -6.09 -3.69
N PRO B 57 13.49 -5.00 -3.48
CA PRO B 57 12.98 -4.23 -4.60
C PRO B 57 14.04 -3.26 -5.14
N SER B 58 13.70 -2.62 -6.25
CA SER B 58 14.47 -1.50 -6.76
C SER B 58 13.72 -0.20 -6.47
N VAL B 59 13.98 0.41 -5.30
CA VAL B 59 13.27 1.62 -4.92
C VAL B 59 13.88 2.83 -5.63
N THR B 60 13.06 3.49 -6.44
CA THR B 60 13.50 4.60 -7.26
C THR B 60 13.46 5.90 -6.43
N GLY B 61 12.41 6.07 -5.64
CA GLY B 61 12.28 7.20 -4.75
C GLY B 61 11.21 6.88 -3.70
N ILE B 62 11.08 7.73 -2.69
CA ILE B 62 10.02 7.64 -1.70
C ILE B 62 9.40 9.02 -1.60
N MET B 63 8.06 9.06 -1.50
CA MET B 63 7.30 10.27 -1.52
C MET B 63 6.50 10.46 -0.22
N LEU B 64 6.51 11.72 0.28
CA LEU B 64 5.64 12.16 1.35
C LEU B 64 4.68 13.16 0.74
N THR B 65 3.38 12.91 0.79
CA THR B 65 2.44 13.75 0.08
C THR B 65 1.27 14.11 0.97
N GLY B 66 0.68 15.27 0.67
CA GLY B 66 -0.65 15.59 1.16
C GLY B 66 -1.75 14.97 0.30
N GLY B 67 -2.98 15.41 0.56
CA GLY B 67 -4.12 14.98 -0.21
C GLY B 67 -4.88 13.81 0.37
N SER B 68 -4.55 13.39 1.60
CA SER B 68 -5.16 12.20 2.17
C SER B 68 -5.06 11.03 1.18
N ALA B 69 -6.06 10.15 1.13
CA ALA B 69 -6.00 8.97 0.30
C ALA B 69 -5.81 9.33 -1.18
N PHE B 70 -6.33 10.50 -1.61
CA PHE B 70 -6.23 10.94 -2.99
C PHE B 70 -4.79 11.15 -3.41
N GLY B 71 -3.93 11.55 -2.48
CA GLY B 71 -2.60 12.02 -2.82
C GLY B 71 -1.62 10.94 -3.28
N LEU B 72 -1.96 9.65 -3.03
CA LEU B 72 -1.14 8.58 -3.57
C LEU B 72 -1.09 8.59 -5.10
N GLU B 73 -2.01 9.29 -5.77
CA GLU B 73 -1.93 9.47 -7.22
C GLU B 73 -0.61 10.13 -7.62
N ALA B 74 -0.03 11.03 -6.80
CA ALA B 74 1.25 11.64 -7.11
C ALA B 74 2.38 10.61 -7.15
N ALA B 75 2.27 9.53 -6.35
CA ALA B 75 3.28 8.48 -6.41
C ALA B 75 3.28 7.79 -7.78
N LEU B 76 2.07 7.55 -8.34
CA LEU B 76 1.95 6.99 -9.68
C LEU B 76 2.49 7.97 -10.72
N GLY B 77 2.34 9.28 -10.47
CA GLY B 77 2.92 10.29 -11.37
C GLY B 77 4.44 10.18 -11.44
N ALA B 78 5.06 9.93 -10.26
CA ALA B 78 6.48 9.73 -10.16
C ALA B 78 6.90 8.43 -10.85
N VAL B 79 6.12 7.35 -10.67
CA VAL B 79 6.38 6.08 -11.35
C VAL B 79 6.45 6.28 -12.86
N ARG B 80 5.43 6.95 -13.41
CA ARG B 80 5.40 7.24 -14.85
C ARG B 80 6.63 8.06 -15.29
N TYR B 81 6.98 9.11 -14.55
CA TYR B 81 8.15 9.92 -14.87
C TYR B 81 9.42 9.04 -14.93
N PHE B 82 9.65 8.19 -13.91
CA PHE B 82 10.85 7.40 -13.82
C PHE B 82 10.92 6.38 -14.97
N GLU B 83 9.78 5.81 -15.35
CA GLU B 83 9.74 4.88 -16.46
C GLU B 83 10.18 5.60 -17.75
N GLU B 84 9.71 6.83 -17.97
CA GLU B 84 10.11 7.59 -19.15
C GLU B 84 11.60 7.88 -19.14
N GLN B 85 12.21 8.08 -17.96
CA GLN B 85 13.63 8.33 -17.85
C GLN B 85 14.43 7.03 -17.90
N GLY B 86 13.78 5.87 -17.92
CA GLY B 86 14.50 4.61 -18.06
C GLY B 86 15.05 4.06 -16.74
N ARG B 87 14.43 4.41 -15.62
CA ARG B 87 14.78 3.81 -14.34
C ARG B 87 13.80 2.72 -13.94
N GLY B 88 14.26 1.79 -13.10
CA GLY B 88 13.39 0.76 -12.56
C GLY B 88 13.90 -0.63 -12.88
N TYR B 89 13.19 -1.65 -12.38
CA TYR B 89 13.62 -3.03 -12.52
C TYR B 89 13.39 -3.43 -13.98
N ASP B 90 14.41 -4.04 -14.59
CA ASP B 90 14.37 -4.32 -16.01
C ASP B 90 13.79 -5.71 -16.22
N VAL B 91 12.62 -5.75 -16.85
CA VAL B 91 11.92 -6.99 -17.13
C VAL B 91 11.97 -7.29 -18.63
N GLY B 92 12.82 -6.57 -19.38
CA GLY B 92 13.02 -6.79 -20.80
C GLY B 92 12.02 -6.01 -21.64
N VAL B 93 10.74 -6.26 -21.42
CA VAL B 93 9.70 -5.58 -22.19
C VAL B 93 9.36 -4.22 -21.57
N ALA B 94 9.87 -3.95 -20.36
CA ALA B 94 9.61 -2.70 -19.68
C ALA B 94 10.62 -2.53 -18.55
N LYS B 95 10.63 -1.32 -18.00
CA LYS B 95 11.29 -1.02 -16.74
C LYS B 95 10.20 -0.65 -15.73
N ILE B 96 10.32 -1.17 -14.50
CA ILE B 96 9.25 -1.00 -13.52
C ILE B 96 9.82 -0.26 -12.32
N PRO B 97 9.64 1.08 -12.22
CA PRO B 97 10.07 1.80 -11.05
C PRO B 97 9.15 1.53 -9.85
N LEU B 98 9.59 1.90 -8.64
CA LEU B 98 8.83 1.75 -7.42
C LEU B 98 9.02 3.01 -6.58
N VAL B 99 7.90 3.65 -6.20
CA VAL B 99 7.90 4.87 -5.42
C VAL B 99 6.92 4.68 -4.25
N PRO B 100 7.36 4.01 -3.17
CA PRO B 100 6.55 3.95 -1.96
C PRO B 100 6.22 5.34 -1.46
N ALA B 101 5.05 5.45 -0.83
CA ALA B 101 4.60 6.74 -0.34
C ALA B 101 3.66 6.57 0.85
N ALA B 102 3.60 7.63 1.67
CA ALA B 102 2.62 7.76 2.72
C ALA B 102 2.02 9.16 2.64
N VAL B 103 0.82 9.34 3.20
CA VAL B 103 0.08 10.58 3.08
C VAL B 103 -0.13 11.24 4.46
N ILE B 104 -0.40 12.57 4.41
CA ILE B 104 -1.08 13.27 5.48
C ILE B 104 -2.44 13.76 5.02
N TYR B 105 -3.32 14.05 5.98
CA TYR B 105 -4.57 14.76 5.71
C TYR B 105 -4.37 16.27 5.87
N ASP B 106 -4.58 17.00 4.77
CA ASP B 106 -4.39 18.44 4.69
C ASP B 106 -5.56 19.10 3.95
N LEU B 107 -6.72 18.44 3.92
CA LEU B 107 -7.86 18.91 3.14
C LEU B 107 -8.65 19.98 3.90
N SER B 108 -8.43 20.14 5.21
CA SER B 108 -9.21 21.10 6.01
C SER B 108 -8.55 22.48 6.06
N VAL B 109 -7.44 22.68 5.36
CA VAL B 109 -6.89 24.01 5.15
C VAL B 109 -6.73 24.25 3.65
N GLY B 110 -6.98 25.49 3.20
CA GLY B 110 -6.97 25.83 1.78
C GLY B 110 -8.18 25.22 1.07
N ASP B 111 -7.90 24.50 -0.02
CA ASP B 111 -8.94 24.02 -0.93
C ASP B 111 -8.95 22.50 -0.91
N ALA B 112 -10.03 21.93 -0.39
CA ALA B 112 -10.18 20.47 -0.23
C ALA B 112 -10.23 19.72 -1.56
N ASN B 113 -10.50 20.43 -2.66
CA ASN B 113 -10.76 19.80 -3.94
C ASN B 113 -9.46 19.65 -4.73
N VAL B 114 -8.36 20.24 -4.27
CA VAL B 114 -7.10 20.12 -4.97
C VAL B 114 -6.17 19.22 -4.16
N ARG B 115 -5.67 18.16 -4.79
CA ARG B 115 -4.78 17.23 -4.13
C ARG B 115 -3.62 16.87 -5.06
N PRO B 116 -2.46 16.42 -4.55
CA PRO B 116 -1.38 15.96 -5.40
C PRO B 116 -1.86 14.85 -6.32
N ASP B 117 -1.59 15.04 -7.62
CA ASP B 117 -2.12 14.22 -8.69
C ASP B 117 -0.95 13.75 -9.54
N LEU B 118 -1.25 13.10 -10.67
CA LEU B 118 -0.19 12.59 -11.55
C LEU B 118 0.81 13.70 -11.90
N ALA B 119 0.27 14.85 -12.31
CA ALA B 119 1.09 15.97 -12.77
C ALA B 119 1.95 16.53 -11.64
N MET B 120 1.40 16.65 -10.44
CA MET B 120 2.16 17.19 -9.32
C MET B 120 3.32 16.27 -8.92
N GLY B 121 3.11 14.95 -8.97
CA GLY B 121 4.17 14.01 -8.69
C GLY B 121 5.32 14.11 -9.70
N ARG B 122 4.97 14.30 -10.97
CA ARG B 122 5.99 14.56 -11.97
C ARG B 122 6.77 15.84 -11.69
N ARG B 123 6.08 16.92 -11.35
CA ARG B 123 6.72 18.20 -11.03
C ARG B 123 7.75 18.07 -9.89
N ALA B 124 7.41 17.30 -8.82
CA ALA B 124 8.38 17.08 -7.74
C ALA B 124 9.61 16.34 -8.23
N CYS B 125 9.42 15.34 -9.11
CA CYS B 125 10.55 14.60 -9.65
C CYS B 125 11.48 15.50 -10.48
N GLU B 126 10.88 16.33 -11.32
CA GLU B 126 11.62 17.25 -12.19
C GLU B 126 12.48 18.20 -11.36
N ALA B 127 11.95 18.62 -10.21
CA ALA B 127 12.59 19.57 -9.33
C ALA B 127 13.65 18.97 -8.41
N ALA B 128 13.84 17.65 -8.40
CA ALA B 128 14.67 17.01 -7.40
C ALA B 128 16.14 17.34 -7.63
N LYS B 129 16.83 17.84 -6.62
CA LYS B 129 18.23 18.20 -6.78
C LYS B 129 19.04 17.86 -5.54
N PRO B 130 20.38 17.76 -5.69
CA PRO B 130 21.29 17.65 -4.55
C PRO B 130 21.40 18.96 -3.79
N GLY B 131 22.16 18.92 -2.69
CA GLY B 131 22.40 20.08 -1.86
C GLY B 131 21.20 20.46 -1.00
N PRO B 132 21.25 21.65 -0.38
CA PRO B 132 20.24 22.06 0.58
C PRO B 132 18.88 22.24 -0.07
N PHE B 133 17.81 21.91 0.65
CA PHE B 133 16.46 22.10 0.16
C PHE B 133 15.71 22.93 1.20
N GLU B 134 14.60 23.50 0.78
CA GLU B 134 13.81 24.37 1.64
C GLU B 134 13.06 23.52 2.66
N ARG B 135 12.79 24.11 3.84
CA ARG B 135 12.01 23.47 4.90
C ARG B 135 10.86 24.39 5.29
N GLY B 136 9.98 23.91 6.16
CA GLY B 136 8.79 24.65 6.59
C GLY B 136 7.56 24.23 5.80
N ARG B 137 6.74 25.21 5.41
CA ARG B 137 5.48 24.93 4.74
C ARG B 137 5.72 24.88 3.24
N VAL B 138 6.33 23.78 2.80
CA VAL B 138 6.69 23.55 1.42
C VAL B 138 6.52 22.05 1.14
N GLY B 139 6.31 21.73 -0.14
CA GLY B 139 6.20 20.34 -0.55
C GLY B 139 5.11 19.62 0.26
N GLY B 140 5.45 18.42 0.76
CA GLY B 140 4.50 17.64 1.54
C GLY B 140 4.05 18.34 2.82
N GLY B 141 4.79 19.34 3.30
CA GLY B 141 4.46 20.06 4.51
C GLY B 141 3.63 21.35 4.31
N THR B 142 3.22 21.66 3.05
CA THR B 142 2.62 22.94 2.74
C THR B 142 1.37 23.17 3.58
N GLY B 143 0.50 22.16 3.66
CA GLY B 143 -0.74 22.29 4.40
C GLY B 143 -0.77 21.61 5.78
N ALA B 144 0.41 21.29 6.33
CA ALA B 144 0.54 20.59 7.59
C ALA B 144 0.16 21.50 8.77
N THR B 145 -0.51 20.91 9.75
CA THR B 145 -0.92 21.53 11.00
C THR B 145 -0.63 20.59 12.17
N VAL B 146 -0.44 21.18 13.35
CA VAL B 146 -0.13 20.47 14.58
C VAL B 146 -1.10 20.87 15.68
N GLY B 147 -1.66 19.86 16.36
CA GLY B 147 -2.45 20.07 17.56
C GLY B 147 -3.92 20.31 17.23
N LYS B 148 -4.65 19.22 16.93
CA LYS B 148 -5.98 19.32 16.39
C LYS B 148 -7.09 18.89 17.35
N LEU B 149 -6.80 18.84 18.66
CA LEU B 149 -7.81 18.50 19.65
C LEU B 149 -9.09 19.32 19.46
N TYR B 150 -8.95 20.62 19.17
CA TYR B 150 -10.11 21.50 19.04
C TYR B 150 -10.39 21.83 17.58
N GLY B 151 -9.89 21.02 16.64
CA GLY B 151 -10.07 21.33 15.23
C GLY B 151 -8.92 22.16 14.68
N VAL B 152 -8.86 22.21 13.35
CA VAL B 152 -7.78 22.85 12.64
C VAL B 152 -7.73 24.36 12.91
N ARG B 153 -8.88 24.93 13.26
CA ARG B 153 -8.95 26.37 13.49
C ARG B 153 -8.10 26.80 14.69
N GLN B 154 -7.89 25.92 15.67
CA GLN B 154 -7.09 26.24 16.86
C GLN B 154 -5.75 25.49 16.86
N SER B 155 -5.29 25.09 15.67
CA SER B 155 -4.03 24.38 15.54
C SER B 155 -2.88 25.35 15.31
N SER B 156 -1.66 24.82 15.38
CA SER B 156 -0.47 25.55 15.03
C SER B 156 -0.02 25.09 13.65
N PRO B 157 0.78 25.90 12.91
CA PRO B 157 1.34 25.44 11.65
C PRO B 157 2.33 24.30 11.86
N GLY B 158 2.29 23.31 10.94
CA GLY B 158 3.29 22.27 10.90
C GLY B 158 4.30 22.55 9.79
N GLY B 159 4.87 21.52 9.22
CA GLY B 159 5.82 21.68 8.14
C GLY B 159 6.64 20.43 7.89
N LEU B 160 7.64 20.65 7.06
CA LEU B 160 8.63 19.66 6.67
C LEU B 160 9.96 20.12 7.27
N GLY B 161 10.62 19.21 7.97
CA GLY B 161 11.90 19.48 8.60
C GLY B 161 12.95 18.42 8.29
N THR B 162 14.20 18.73 8.59
CA THR B 162 15.28 17.80 8.32
C THR B 162 16.40 18.01 9.35
N ALA B 163 17.23 16.99 9.55
CA ALA B 163 18.39 17.06 10.43
C ALA B 163 19.36 15.93 10.07
N THR B 164 20.65 16.14 10.33
CA THR B 164 21.68 15.14 10.17
C THR B 164 22.38 14.95 11.51
N VAL B 165 22.58 13.69 11.91
CA VAL B 165 23.41 13.31 13.05
C VAL B 165 24.69 12.66 12.52
N SER B 166 25.83 13.14 13.01
CA SER B 166 27.15 12.61 12.64
C SER B 166 27.66 11.67 13.73
N LEU B 167 28.13 10.50 13.31
CA LEU B 167 28.76 9.55 14.21
C LEU B 167 30.25 9.52 13.81
N TYR B 168 31.00 8.63 14.43
CA TYR B 168 32.41 8.41 14.12
C TYR B 168 32.59 7.87 12.70
N GLY B 169 33.79 8.08 12.14
CA GLY B 169 34.21 7.35 10.96
C GLY B 169 33.49 7.73 9.67
N GLY B 170 32.90 8.93 9.61
CA GLY B 170 32.22 9.38 8.41
C GLY B 170 30.78 8.89 8.33
N ILE B 171 30.30 8.24 9.39
CA ILE B 171 28.94 7.69 9.39
C ILE B 171 27.97 8.84 9.63
N LYS B 172 26.87 8.86 8.87
CA LYS B 172 25.82 9.87 9.03
C LYS B 172 24.45 9.17 9.06
N VAL B 173 23.53 9.76 9.81
CA VAL B 173 22.13 9.38 9.76
C VAL B 173 21.31 10.66 9.64
N SER B 174 20.46 10.77 8.62
CA SER B 174 19.69 11.98 8.39
C SER B 174 18.21 11.66 8.38
N ALA B 175 17.39 12.68 8.60
CA ALA B 175 15.96 12.47 8.56
C ALA B 175 15.31 13.62 7.80
N MET B 176 14.15 13.32 7.21
CA MET B 176 13.24 14.30 6.65
C MET B 176 11.83 13.91 7.07
N ILE B 177 11.12 14.83 7.72
CA ILE B 177 9.87 14.52 8.41
C ILE B 177 8.83 15.57 8.02
N VAL B 178 7.60 15.13 7.73
CA VAL B 178 6.46 16.01 7.66
C VAL B 178 5.66 15.88 8.95
N VAL B 179 5.52 16.97 9.71
CA VAL B 179 4.81 16.97 10.98
C VAL B 179 3.41 17.54 10.76
N ASN B 180 2.39 16.69 10.93
CA ASN B 180 0.98 17.05 10.81
C ASN B 180 0.25 16.42 12.00
N SER B 181 0.90 16.41 13.15
CA SER B 181 0.54 15.53 14.24
C SER B 181 -0.77 15.99 14.87
N PHE B 182 -1.55 15.01 15.31
CA PHE B 182 -2.70 15.29 16.17
C PHE B 182 -2.21 15.97 17.46
N GLY B 183 -1.11 15.45 18.02
CA GLY B 183 -0.60 15.87 19.30
C GLY B 183 0.27 17.12 19.24
N ASP B 184 0.78 17.54 20.42
CA ASP B 184 1.61 18.71 20.56
C ASP B 184 3.08 18.32 20.41
N LEU B 185 3.89 19.27 19.99
CA LEU B 185 5.33 19.12 19.83
C LEU B 185 6.00 19.89 20.96
N ARG B 186 6.91 19.23 21.64
CA ARG B 186 7.65 19.74 22.78
C ARG B 186 9.16 19.70 22.49
N ASP B 187 9.90 20.60 23.12
CA ASP B 187 11.37 20.56 23.07
C ASP B 187 11.90 19.56 24.10
N THR B 188 13.22 19.53 24.29
CA THR B 188 13.87 18.47 25.07
C THR B 188 13.64 18.70 26.57
N ALA B 189 13.35 19.95 26.96
CA ALA B 189 12.97 20.29 28.32
C ALA B 189 11.52 19.94 28.62
N GLY B 190 10.69 19.77 27.57
CA GLY B 190 9.28 19.46 27.74
C GLY B 190 8.36 20.68 27.62
N ARG B 191 8.83 21.79 27.04
CA ARG B 191 7.97 22.94 26.73
C ARG B 191 7.23 22.78 25.38
N ILE B 192 5.99 23.23 25.31
CA ILE B 192 5.20 23.11 24.09
C ILE B 192 5.63 24.18 23.11
N VAL B 193 6.01 23.83 21.88
CA VAL B 193 6.39 24.83 20.90
C VAL B 193 5.38 24.93 19.79
N ALA B 194 4.55 23.89 19.61
CA ALA B 194 3.47 23.94 18.63
C ALA B 194 2.41 22.97 19.09
N GLY B 195 1.15 23.32 18.95
CA GLY B 195 0.11 22.52 19.56
C GLY B 195 -1.24 23.21 19.54
N ALA B 196 -2.23 22.52 20.13
CA ALA B 196 -3.56 23.06 20.25
C ALA B 196 -3.58 24.29 21.13
N LYS B 197 -4.33 25.30 20.68
CA LYS B 197 -4.36 26.62 21.31
C LYS B 197 -5.79 26.89 21.76
N TYR B 198 -5.91 27.61 22.88
CA TYR B 198 -7.15 28.26 23.22
C TYR B 198 -7.40 29.38 22.22
N GLU B 199 -8.66 29.86 22.24
CA GLU B 199 -9.11 30.91 21.33
C GLU B 199 -8.12 32.06 21.26
N GLY B 200 -7.57 32.51 22.40
CA GLY B 200 -6.74 33.69 22.42
C GLY B 200 -5.27 33.42 22.13
N GLY B 201 -4.89 32.14 22.00
CA GLY B 201 -3.59 31.79 21.49
C GLY B 201 -2.66 31.09 22.47
N GLU B 202 -2.99 30.96 23.77
CA GLU B 202 -2.12 30.20 24.66
C GLU B 202 -2.27 28.68 24.39
N PHE B 203 -1.21 27.91 24.63
CA PHE B 203 -1.28 26.47 24.44
C PHE B 203 -2.14 25.82 25.53
N ALA B 204 -3.00 24.90 25.12
CA ALA B 204 -3.91 24.24 26.02
C ALA B 204 -3.28 23.06 26.74
N ASP B 205 -2.27 22.41 26.13
CA ASP B 205 -1.73 21.13 26.59
C ASP B 205 -2.69 19.98 26.30
N THR B 206 -2.55 19.42 25.08
CA THR B 206 -3.50 18.44 24.58
C THR B 206 -3.66 17.30 25.59
N TYR B 207 -2.55 16.69 26.00
CA TYR B 207 -2.65 15.52 26.86
C TYR B 207 -3.33 15.85 28.19
N ALA B 208 -2.94 16.95 28.83
CA ALA B 208 -3.55 17.36 30.08
C ALA B 208 -5.07 17.51 29.94
N ARG B 209 -5.52 18.12 28.85
CA ARG B 209 -6.95 18.34 28.59
C ARG B 209 -7.66 17.02 28.34
N MET B 210 -7.01 16.11 27.62
CA MET B 210 -7.62 14.81 27.37
C MET B 210 -7.77 14.03 28.68
N LYS B 211 -6.80 14.13 29.60
CA LYS B 211 -6.92 13.46 30.90
C LYS B 211 -8.11 13.97 31.71
N LEU B 212 -8.43 15.26 31.55
CA LEU B 212 -9.53 15.92 32.25
C LEU B 212 -10.87 15.64 31.56
N GLY B 213 -10.87 15.12 30.35
CA GLY B 213 -12.11 14.73 29.68
C GLY B 213 -12.44 15.44 28.35
N ASP B 214 -11.63 16.38 27.85
CA ASP B 214 -11.92 16.98 26.54
C ASP B 214 -11.76 15.95 25.43
N LYS B 215 -12.68 16.00 24.47
CA LYS B 215 -12.83 14.98 23.44
C LYS B 215 -12.31 15.51 22.10
N ASN B 216 -11.75 14.59 21.32
CA ASN B 216 -11.12 14.87 20.05
C ASN B 216 -12.17 15.39 19.04
N GLN B 217 -12.00 16.62 18.56
CA GLN B 217 -12.91 17.18 17.59
C GLN B 217 -12.28 17.34 16.20
N SER B 218 -11.20 16.61 15.91
CA SER B 218 -10.58 16.72 14.60
C SER B 218 -11.44 16.00 13.55
N ALA B 219 -11.25 16.37 12.28
CA ALA B 219 -12.08 15.87 11.18
C ALA B 219 -12.12 14.33 11.12
N LEU B 220 -11.04 13.64 11.53
CA LEU B 220 -10.97 12.19 11.38
C LEU B 220 -11.43 11.48 12.65
N ALA B 221 -11.87 12.23 13.68
CA ALA B 221 -12.09 11.68 15.01
C ALA B 221 -13.14 10.56 15.04
N ARG B 222 -14.12 10.56 14.11
CA ARG B 222 -15.26 9.65 14.20
C ARG B 222 -14.89 8.20 13.84
N MET B 223 -13.75 7.97 13.17
CA MET B 223 -13.33 6.60 12.89
C MET B 223 -12.49 6.08 14.08
N GLY B 224 -12.82 4.86 14.54
CA GLY B 224 -12.22 4.28 15.74
C GLY B 224 -12.21 2.75 15.71
N THR B 227 -0.92 12.95 11.94
CA THR B 227 0.07 12.08 11.27
C THR B 227 1.43 12.75 11.20
N THR B 228 2.50 11.94 11.37
CA THR B 228 3.86 12.40 11.15
C THR B 228 4.50 11.32 10.28
N ILE B 229 5.04 11.70 9.13
CA ILE B 229 5.58 10.71 8.19
C ILE B 229 6.99 11.15 7.83
N GLY B 230 7.84 10.20 7.50
CA GLY B 230 9.19 10.63 7.24
C GLY B 230 10.09 9.51 6.73
N ILE B 231 11.30 9.93 6.40
CA ILE B 231 12.37 9.08 5.90
C ILE B 231 13.59 9.26 6.80
N VAL B 232 14.24 8.17 7.18
CA VAL B 232 15.53 8.21 7.83
C VAL B 232 16.50 7.41 6.95
N SER B 233 17.69 7.98 6.72
CA SER B 233 18.65 7.45 5.77
C SER B 233 20.05 7.46 6.35
N THR B 234 20.84 6.42 6.05
CA THR B 234 22.24 6.36 6.46
C THR B 234 23.11 5.99 5.25
N ASN B 235 24.38 6.37 5.34
CA ASN B 235 25.38 6.00 4.34
C ASN B 235 26.04 4.65 4.72
N CYS B 236 25.61 3.99 5.81
CA CYS B 236 26.01 2.61 6.08
C CYS B 236 25.30 1.62 5.16
N ARG B 237 25.99 0.49 4.90
CA ARG B 237 25.36 -0.66 4.28
C ARG B 237 24.48 -1.38 5.30
N LEU B 238 23.26 -1.73 4.90
CA LEU B 238 22.29 -2.42 5.77
C LEU B 238 21.78 -3.66 5.03
N THR B 239 21.35 -4.67 5.77
CA THR B 239 20.46 -5.71 5.26
C THR B 239 19.02 -5.22 5.40
N LYS B 240 18.09 -5.96 4.79
CA LYS B 240 16.68 -5.60 4.85
C LYS B 240 16.18 -5.61 6.29
N VAL B 241 16.60 -6.60 7.07
CA VAL B 241 16.18 -6.76 8.46
C VAL B 241 16.66 -5.55 9.23
N GLU B 242 17.90 -5.12 8.98
CA GLU B 242 18.43 -3.97 9.69
C GLU B 242 17.72 -2.65 9.30
N ALA B 243 17.38 -2.47 8.02
CA ALA B 243 16.67 -1.25 7.63
C ALA B 243 15.30 -1.19 8.31
N SER B 244 14.60 -2.32 8.46
CA SER B 244 13.30 -2.33 9.14
C SER B 244 13.48 -2.08 10.63
N ARG B 245 14.56 -2.57 11.23
CA ARG B 245 14.84 -2.30 12.63
C ARG B 245 15.13 -0.81 12.85
N MET B 246 15.87 -0.20 11.92
CA MET B 246 16.12 1.23 11.99
C MET B 246 14.84 2.04 11.94
N ALA B 247 13.92 1.68 11.05
CA ALA B 247 12.63 2.36 10.95
C ALA B 247 11.84 2.21 12.25
N THR B 248 11.84 1.02 12.86
CA THR B 248 11.15 0.75 14.11
C THR B 248 11.72 1.63 15.23
N LEU B 249 13.05 1.70 15.36
CA LEU B 249 13.67 2.47 16.43
C LEU B 249 13.50 3.97 16.24
N ALA B 250 13.37 4.45 14.98
CA ALA B 250 13.23 5.85 14.71
C ALA B 250 11.94 6.41 15.31
N HIS B 251 10.89 5.58 15.42
CA HIS B 251 9.64 6.03 16.07
C HIS B 251 9.86 6.51 17.51
N ASN B 252 10.89 6.00 18.17
CA ASN B 252 11.19 6.45 19.52
C ASN B 252 11.48 7.94 19.56
N GLY B 253 12.04 8.46 18.47
CA GLY B 253 12.32 9.88 18.37
C GLY B 253 11.04 10.69 18.25
N LEU B 254 10.08 10.18 17.46
CA LEU B 254 8.77 10.80 17.38
C LEU B 254 8.12 10.87 18.76
N ALA B 255 8.18 9.75 19.53
CA ALA B 255 7.61 9.68 20.87
C ALA B 255 8.20 10.72 21.81
N ARG B 256 9.50 11.02 21.68
CA ARG B 256 10.15 12.00 22.54
C ARG B 256 9.72 13.42 22.20
N ALA B 257 9.36 13.72 20.96
CA ALA B 257 9.00 15.07 20.55
C ALA B 257 7.49 15.32 20.60
N ILE B 258 6.66 14.31 20.36
CA ILE B 258 5.24 14.52 20.08
C ILE B 258 4.40 13.79 21.12
N CYS B 259 3.34 14.42 21.63
CA CYS B 259 2.48 13.76 22.61
C CYS B 259 1.06 14.33 22.55
N PRO B 260 -0.01 13.53 22.43
CA PRO B 260 0.08 12.10 22.13
C PRO B 260 0.57 11.82 20.70
N ILE B 261 1.01 10.59 20.49
CA ILE B 261 1.57 10.10 19.24
C ILE B 261 0.93 8.75 18.95
N HIS B 262 0.97 8.32 17.69
CA HIS B 262 0.48 7.01 17.29
C HIS B 262 -1.00 6.83 17.65
N THR B 263 -1.77 7.91 17.56
CA THR B 263 -3.18 7.87 17.98
C THR B 263 -4.05 7.27 16.86
N ASN B 264 -5.35 7.13 17.12
CA ASN B 264 -6.28 6.57 16.13
C ASN B 264 -6.49 7.49 14.94
N VAL B 265 -6.08 8.76 15.00
CA VAL B 265 -6.23 9.65 13.87
C VAL B 265 -4.88 9.88 13.22
N ASP B 266 -3.83 9.21 13.69
CA ASP B 266 -2.50 9.41 13.09
C ASP B 266 -2.14 8.25 12.16
N GLY B 267 -1.53 8.58 11.02
CA GLY B 267 -1.03 7.58 10.06
C GLY B 267 0.50 7.46 10.09
N ASP B 268 1.11 7.58 11.29
CA ASP B 268 2.54 7.73 11.45
C ASP B 268 3.27 6.58 10.77
N THR B 269 4.25 6.94 9.91
CA THR B 269 4.98 5.99 9.09
C THR B 269 6.40 6.50 8.93
N ILE B 270 7.37 5.63 9.16
CA ILE B 270 8.77 5.94 8.90
C ILE B 270 9.30 4.92 7.91
N PHE B 271 9.90 5.44 6.83
CA PHE B 271 10.69 4.66 5.89
C PHE B 271 12.16 4.81 6.29
N ALA B 272 12.96 3.75 6.12
CA ALA B 272 14.38 3.81 6.39
C ALA B 272 15.15 3.29 5.18
N THR B 273 16.32 3.89 4.91
CA THR B 273 17.19 3.41 3.84
C THR B 273 18.64 3.34 4.32
N GLY B 274 19.34 2.32 3.84
CA GLY B 274 20.80 2.27 3.83
C GLY B 274 21.28 2.05 2.39
N LEU B 275 22.61 2.11 2.17
CA LEU B 275 23.17 1.89 0.83
C LEU B 275 23.42 0.40 0.60
N GLN B 276 23.19 -0.08 -0.63
CA GLN B 276 23.51 -1.46 -0.96
C GLN B 276 25.03 -1.64 -1.03
N LYS B 277 25.71 -0.63 -1.56
CA LYS B 277 27.15 -0.66 -1.76
C LYS B 277 27.77 0.45 -0.90
N SER B 278 28.37 0.08 0.20
CA SER B 278 29.06 1.04 1.03
C SER B 278 30.04 0.21 1.82
N ASP B 279 31.16 0.85 2.19
CA ASP B 279 32.20 0.35 3.05
C ASP B 279 31.82 0.45 4.51
N LEU B 280 30.90 1.35 4.87
CA LEU B 280 30.69 1.72 6.25
C LEU B 280 29.62 0.83 6.84
N THR B 281 29.87 0.29 8.03
CA THR B 281 28.89 -0.48 8.77
C THR B 281 29.00 -0.07 10.23
N ALA B 282 27.90 -0.31 10.97
CA ALA B 282 27.85 -0.02 12.38
C ALA B 282 26.71 -0.83 12.97
N PRO B 283 26.66 -1.07 14.29
CA PRO B 283 25.56 -1.85 14.85
C PRO B 283 24.23 -1.15 14.62
N VAL B 284 23.18 -1.94 14.34
CA VAL B 284 21.91 -1.36 13.97
C VAL B 284 21.25 -0.65 15.15
N ASP B 285 21.52 -1.10 16.38
CA ASP B 285 20.92 -0.45 17.55
C ASP B 285 21.47 0.97 17.76
N LEU B 286 22.75 1.19 17.43
CA LEU B 286 23.32 2.54 17.40
C LEU B 286 22.71 3.39 16.28
N LEU B 287 22.63 2.83 15.06
CA LEU B 287 22.07 3.55 13.93
C LEU B 287 20.62 3.95 14.21
N GLY B 288 19.89 3.01 14.84
CA GLY B 288 18.50 3.25 15.18
C GLY B 288 18.31 4.34 16.22
N THR B 289 19.18 4.38 17.22
CA THR B 289 19.17 5.44 18.22
C THR B 289 19.47 6.80 17.59
N ALA B 290 20.45 6.84 16.69
CA ALA B 290 20.74 8.05 15.95
C ALA B 290 19.59 8.43 15.02
N ALA B 291 18.93 7.45 14.39
CA ALA B 291 17.75 7.76 13.58
C ALA B 291 16.64 8.41 14.43
N ALA B 292 16.50 7.95 15.69
CA ALA B 292 15.54 8.53 16.62
C ALA B 292 15.91 9.99 16.92
N GLU B 293 17.20 10.24 17.15
CA GLU B 293 17.65 11.60 17.42
C GLU B 293 17.40 12.49 16.18
N ALA B 294 17.79 12.01 15.00
CA ALA B 294 17.57 12.75 13.76
C ALA B 294 16.10 13.06 13.53
N ALA B 295 15.22 12.08 13.72
CA ALA B 295 13.80 12.28 13.55
C ALA B 295 13.28 13.33 14.53
N MET B 296 13.73 13.30 15.80
CA MET B 296 13.30 14.25 16.81
C MET B 296 13.71 15.66 16.42
N LEU B 297 14.97 15.84 16.01
CA LEU B 297 15.47 17.14 15.60
C LEU B 297 14.75 17.66 14.35
N ALA B 298 14.46 16.78 13.36
CA ALA B 298 13.72 17.15 12.17
C ALA B 298 12.30 17.61 12.49
N CYS B 299 11.65 16.99 13.51
CA CYS B 299 10.34 17.44 13.95
C CYS B 299 10.34 18.91 14.39
N LEU B 300 11.35 19.29 15.19
CA LEU B 300 11.50 20.66 15.66
C LEU B 300 11.83 21.61 14.51
N ASP B 301 12.72 21.16 13.61
CA ASP B 301 13.08 21.92 12.43
C ASP B 301 11.86 22.33 11.62
N ALA B 302 10.88 21.42 11.50
CA ALA B 302 9.71 21.63 10.69
C ALA B 302 8.93 22.85 11.14
N VAL B 303 8.93 23.15 12.45
CA VAL B 303 8.09 24.23 12.97
C VAL B 303 8.89 25.50 13.27
N MET B 304 10.22 25.51 13.18
CA MET B 304 11.03 26.70 13.38
C MET B 304 11.55 27.29 12.07
N GLN B 305 11.10 26.78 10.92
CA GLN B 305 11.56 27.25 9.61
C GLN B 305 10.39 27.91 8.87
#